data_3SBJ
#
_entry.id   3SBJ
#
_cell.length_a   45.188
_cell.length_b   93.541
_cell.length_c   104.650
_cell.angle_alpha   90.000
_cell.angle_beta   90.000
_cell.angle_gamma   90.000
#
_symmetry.space_group_name_H-M   'P 21 21 21'
#
loop_
_entity.id
_entity.type
_entity.pdbx_description
1 polymer 'Formamidopyrimidine-DNA glycosylase'
2 polymer "5'-D(*GP*GP*TP*AP*GP*AP*CP*CP*AP*GP*G)-3'"
3 polymer "5'-D(P*CP*CP*TP*GP*GP*TP*(CX)P*TP*AP*CP*C)-3'"
4 non-polymer 'ZINC ION'
5 water water
#
loop_
_entity_poly.entity_id
_entity_poly.type
_entity_poly.pdbx_seq_one_letter_code
_entity_poly.pdbx_strand_id
1 'polypeptide(L)'
;PELPEVETIRRTLLPLIVGKTIEDVRIFWPNIIRHPRDSEAFAARMIGQTVRGLERRGKFLKFLLDRDALISHLRMEGRY
AVASALEPLEPHTHVVFCFTDGSELRYRDVRKFGTMHVYAKEEADRRPPLAELGPEPLSPAFSPAVLAERAVKTKRSVKA
LLLDCTVVAGFGNIYVDESLFRAGILPGRPAASLSSKEIERLHEEMVATIGEAVMKGGSTPRTYVNTQGEAGTFQHHLYV
YGRQGNPCKRCGTPIEKTVVAGRGTHYCPRCQR
;
A
2 'polydeoxyribonucleotide' (DG)(DG)(DT)(DA)(DG)(DA)(DC)(DC)(DA)(DG)(DG) B
3 'polydeoxyribonucleotide' (DC)(DC)(DT)(DG)(DG)(DT)(CX2)(DT)(DA)(DC)(DC) C
#
# COMPACT_ATOMS: atom_id res chain seq x y z
N PRO A 1 -5.94 1.74 -3.92
CA PRO A 1 -5.38 3.03 -3.48
C PRO A 1 -3.88 2.95 -3.28
N GLU A 2 -3.18 4.07 -3.51
CA GLU A 2 -1.77 4.19 -3.17
C GLU A 2 -1.63 4.49 -1.69
N LEU A 3 -0.40 4.35 -1.18
CA LEU A 3 -0.12 4.57 0.23
C LEU A 3 -0.80 5.80 0.82
N PRO A 4 -0.67 6.97 0.15
CA PRO A 4 -1.26 8.19 0.69
C PRO A 4 -2.79 8.13 0.84
N GLU A 5 -3.46 7.47 -0.10
CA GLU A 5 -4.91 7.30 0.00
C GLU A 5 -5.24 6.34 1.15
N VAL A 6 -4.42 5.30 1.31
CA VAL A 6 -4.57 4.38 2.41
C VAL A 6 -4.40 5.10 3.75
N GLU A 7 -3.48 6.06 3.80
CA GLU A 7 -3.29 6.83 5.01
C GLU A 7 -4.52 7.68 5.30
N THR A 8 -5.10 8.24 4.23
CA THR A 8 -6.30 9.03 4.35
C THR A 8 -7.45 8.18 4.88
N ILE A 9 -7.53 6.95 4.37
CA ILE A 9 -8.55 6.01 4.83
C ILE A 9 -8.36 5.69 6.32
N ARG A 10 -7.12 5.37 6.69
CA ARG A 10 -6.79 5.09 8.08
C ARG A 10 -7.24 6.24 8.98
N ARG A 11 -6.90 7.46 8.57
CA ARG A 11 -7.20 8.63 9.37
C ARG A 11 -8.70 8.84 9.57
N THR A 12 -9.47 8.74 8.50
CA THR A 12 -10.89 9.08 8.55
C THR A 12 -11.75 7.94 9.07
N LEU A 13 -11.27 6.71 8.90
CA LEU A 13 -12.00 5.53 9.34
C LEU A 13 -11.94 5.35 10.87
N LEU A 14 -10.80 5.65 11.45
CA LEU A 14 -10.56 5.40 12.87
C LEU A 14 -11.64 5.92 13.82
N PRO A 15 -11.95 7.23 13.76
CA PRO A 15 -12.93 7.78 14.70
C PRO A 15 -14.30 7.16 14.49
N LEU A 16 -14.54 6.64 13.28
CA LEU A 16 -15.83 6.07 12.94
C LEU A 16 -16.03 4.66 13.51
N ILE A 17 -14.95 4.06 14.01
CA ILE A 17 -15.04 2.70 14.52
C ILE A 17 -14.42 2.51 15.91
N VAL A 18 -13.60 3.45 16.34
CA VAL A 18 -12.90 3.26 17.61
C VAL A 18 -13.89 3.13 18.77
N GLY A 19 -13.60 2.21 19.68
CA GLY A 19 -14.43 2.01 20.84
C GLY A 19 -15.63 1.13 20.56
N LYS A 20 -15.81 0.76 19.29
CA LYS A 20 -16.95 -0.08 18.94
C LYS A 20 -16.64 -1.56 19.14
N THR A 21 -17.63 -2.29 19.63
CA THR A 21 -17.43 -3.71 19.92
C THR A 21 -18.08 -4.55 18.83
N ILE A 22 -17.31 -5.52 18.33
CA ILE A 22 -17.81 -6.39 17.27
C ILE A 22 -18.79 -7.40 17.82
N GLU A 23 -19.95 -7.49 17.18
CA GLU A 23 -20.98 -8.40 17.61
C GLU A 23 -21.10 -9.55 16.62
N ASP A 24 -20.74 -9.30 15.37
CA ASP A 24 -20.84 -10.30 14.32
C ASP A 24 -19.87 -9.95 13.20
N VAL A 25 -19.45 -10.96 12.45
CA VAL A 25 -18.64 -10.74 11.25
C VAL A 25 -19.23 -11.62 10.15
N ARG A 26 -19.64 -10.99 9.06
CA ARG A 26 -20.29 -11.69 7.97
C ARG A 26 -19.42 -11.65 6.72
N ILE A 27 -19.21 -12.83 6.13
CA ILE A 27 -18.27 -12.99 5.04
C ILE A 27 -18.98 -13.56 3.82
N PHE A 28 -18.94 -12.85 2.70
CA PHE A 28 -19.67 -13.27 1.49
C PHE A 28 -18.73 -13.70 0.37
N TRP A 29 -17.43 -13.53 0.59
CA TRP A 29 -16.44 -14.08 -0.32
C TRP A 29 -15.21 -14.50 0.49
N PRO A 30 -15.24 -15.74 1.01
CA PRO A 30 -14.26 -16.32 1.93
C PRO A 30 -12.82 -16.16 1.46
N ASN A 31 -12.59 -16.18 0.15
CA ASN A 31 -11.23 -16.13 -0.38
C ASN A 31 -10.49 -14.87 0.03
N ILE A 32 -11.24 -13.83 0.40
CA ILE A 32 -10.64 -12.60 0.90
C ILE A 32 -9.86 -12.89 2.17
N ILE A 33 -10.39 -13.80 3.00
CA ILE A 33 -9.77 -14.18 4.26
C ILE A 33 -8.59 -15.09 4.03
N ARG A 34 -7.39 -14.63 4.36
CA ARG A 34 -6.19 -15.42 4.13
C ARG A 34 -5.65 -16.05 5.41
N HIS A 35 -6.04 -15.50 6.57
CA HIS A 35 -5.67 -16.09 7.86
C HIS A 35 -6.55 -15.58 8.99
N PRO A 36 -7.05 -16.50 9.83
CA PRO A 36 -6.88 -17.95 9.69
C PRO A 36 -7.43 -18.43 8.34
N ARG A 37 -6.97 -19.58 7.88
CA ARG A 37 -7.40 -20.11 6.58
C ARG A 37 -8.92 -20.30 6.53
N ASP A 38 -9.46 -20.85 7.60
CA ASP A 38 -10.90 -21.05 7.74
C ASP A 38 -11.60 -19.72 8.08
N SER A 39 -12.39 -19.20 7.14
CA SER A 39 -13.04 -17.92 7.35
C SER A 39 -13.96 -17.94 8.58
N GLU A 40 -14.44 -19.11 8.97
CA GLU A 40 -15.29 -19.23 10.15
C GLU A 40 -14.51 -18.95 11.46
N ALA A 41 -13.25 -19.38 11.49
CA ALA A 41 -12.39 -19.11 12.62
C ALA A 41 -12.09 -17.62 12.67
N PHE A 42 -11.81 -17.05 11.50
CA PHE A 42 -11.64 -15.62 11.33
C PHE A 42 -12.78 -14.84 11.99
N ALA A 43 -14.01 -15.16 11.59
CA ALA A 43 -15.20 -14.50 12.13
C ALA A 43 -15.35 -14.70 13.64
N ALA A 44 -15.26 -15.94 14.09
CA ALA A 44 -15.51 -16.26 15.50
C ALA A 44 -14.54 -15.54 16.46
N ARG A 45 -13.28 -15.42 16.08
CA ARG A 45 -12.30 -14.85 17.00
C ARG A 45 -12.46 -13.35 17.19
N MET A 46 -13.06 -12.70 16.18
CA MET A 46 -13.21 -11.25 16.23
CA MET A 46 -13.24 -11.25 16.18
C MET A 46 -14.40 -10.82 17.08
N ILE A 47 -15.41 -11.66 17.16
CA ILE A 47 -16.60 -11.35 17.94
C ILE A 47 -16.28 -11.07 19.42
N GLY A 48 -16.78 -9.95 19.94
CA GLY A 48 -16.58 -9.62 21.33
C GLY A 48 -15.41 -8.67 21.53
N GLN A 49 -14.60 -8.52 20.49
CA GLN A 49 -13.45 -7.62 20.61
C GLN A 49 -13.85 -6.20 20.26
N THR A 50 -13.21 -5.27 20.95
CA THR A 50 -13.46 -3.86 20.71
C THR A 50 -12.35 -3.28 19.83
N VAL A 51 -12.72 -2.43 18.89
CA VAL A 51 -11.73 -1.72 18.08
C VAL A 51 -11.04 -0.68 18.93
N ARG A 52 -9.71 -0.78 19.04
CA ARG A 52 -8.93 0.13 19.87
C ARG A 52 -8.07 1.08 19.05
N GLY A 53 -7.75 0.71 17.82
CA GLY A 53 -6.90 1.54 17.01
C GLY A 53 -6.89 1.14 15.55
N LEU A 54 -6.29 1.99 14.72
CA LEU A 54 -6.16 1.70 13.29
C LEU A 54 -4.86 2.30 12.78
N GLU A 55 -3.94 1.44 12.38
CA GLU A 55 -2.64 1.89 11.92
C GLU A 55 -2.44 1.50 10.46
N ARG A 56 -1.43 2.07 9.83
CA ARG A 56 -1.12 1.74 8.44
C ARG A 56 0.32 1.29 8.34
N ARG A 57 0.55 0.22 7.58
CA ARG A 57 1.91 -0.19 7.27
CA ARG A 57 1.90 -0.23 7.27
C ARG A 57 1.98 -0.48 5.77
N GLY A 58 2.77 0.34 5.07
CA GLY A 58 2.77 0.28 3.62
C GLY A 58 1.39 0.62 3.15
N LYS A 59 0.83 -0.20 2.26
CA LYS A 59 -0.56 -0.03 1.84
C LYS A 59 -1.52 -0.88 2.66
N PHE A 60 -1.01 -1.57 3.69
CA PHE A 60 -1.84 -2.38 4.58
C PHE A 60 -2.47 -1.54 5.68
N LEU A 61 -3.74 -1.80 5.96
CA LEU A 61 -4.37 -1.25 7.14
C LEU A 61 -4.28 -2.27 8.25
N LYS A 62 -3.91 -1.83 9.45
CA LYS A 62 -3.85 -2.73 10.59
C LYS A 62 -4.85 -2.31 11.66
N PHE A 63 -5.99 -2.99 11.71
CA PHE A 63 -7.00 -2.72 12.73
C PHE A 63 -6.57 -3.36 14.04
N LEU A 64 -6.49 -2.57 15.11
CA LEU A 64 -6.12 -3.09 16.40
C LEU A 64 -7.35 -3.32 17.27
N LEU A 65 -7.53 -4.55 17.72
CA LEU A 65 -8.66 -4.89 18.57
C LEU A 65 -8.17 -5.07 20.01
N ASP A 66 -8.82 -5.92 20.78
CA ASP A 66 -8.38 -6.16 22.16
C ASP A 66 -7.18 -7.11 22.18
N ARG A 67 -7.34 -8.28 21.58
CA ARG A 67 -6.28 -9.27 21.52
C ARG A 67 -5.64 -9.38 20.13
N ASP A 68 -6.44 -9.15 19.08
CA ASP A 68 -5.99 -9.40 17.72
C ASP A 68 -5.73 -8.14 16.92
N ALA A 69 -5.00 -8.30 15.83
CA ALA A 69 -4.87 -7.28 14.80
C ALA A 69 -5.42 -7.86 13.51
N LEU A 70 -6.19 -7.05 12.78
CA LEU A 70 -6.67 -7.42 11.44
C LEU A 70 -5.85 -6.67 10.38
N ILE A 71 -5.12 -7.42 9.55
CA ILE A 71 -4.32 -6.84 8.48
C ILE A 71 -5.09 -6.89 7.18
N SER A 72 -5.31 -5.72 6.58
CA SER A 72 -6.20 -5.60 5.43
C SER A 72 -5.49 -4.93 4.26
N HIS A 73 -5.57 -5.52 3.07
CA HIS A 73 -5.03 -4.90 1.86
C HIS A 73 -6.15 -4.69 0.85
N LEU A 74 -6.34 -3.45 0.40
CA LEU A 74 -7.43 -3.10 -0.52
C LEU A 74 -7.13 -3.48 -1.96
N ARG A 75 -5.86 -3.74 -2.26
CA ARG A 75 -5.47 -4.03 -3.63
C ARG A 75 -6.02 -2.96 -4.56
N MET A 76 -6.71 -3.40 -5.61
CA MET A 76 -7.16 -2.51 -6.68
C MET A 76 -8.39 -1.66 -6.32
N GLU A 77 -9.48 -2.31 -5.94
CA GLU A 77 -10.75 -1.63 -5.83
C GLU A 77 -11.38 -1.67 -4.43
N GLY A 78 -10.67 -2.22 -3.45
CA GLY A 78 -11.22 -2.37 -2.12
C GLY A 78 -11.57 -1.05 -1.46
N ARG A 79 -12.71 -1.00 -0.79
CA ARG A 79 -13.14 0.20 -0.08
C ARG A 79 -13.87 -0.14 1.21
N TYR A 80 -13.65 0.66 2.25
CA TYR A 80 -14.35 0.51 3.50
C TYR A 80 -15.39 1.60 3.68
N ALA A 81 -16.50 1.26 4.31
CA ALA A 81 -17.48 2.27 4.71
C ALA A 81 -18.12 1.88 6.03
N VAL A 82 -18.59 2.87 6.76
CA VAL A 82 -19.30 2.64 8.00
C VAL A 82 -20.73 3.09 7.77
N ALA A 83 -21.67 2.19 8.02
CA ALA A 83 -23.07 2.50 7.75
C ALA A 83 -23.99 1.69 8.65
N SER A 84 -25.26 2.03 8.64
CA SER A 84 -26.26 1.39 9.48
C SER A 84 -26.55 -0.04 9.04
N ALA A 85 -26.75 -0.91 10.02
CA ALA A 85 -27.14 -2.30 9.76
C ALA A 85 -28.52 -2.33 9.12
N LEU A 86 -29.26 -1.23 9.24
CA LEU A 86 -30.63 -1.18 8.76
C LEU A 86 -30.75 -0.93 7.26
N GLU A 87 -29.66 -0.47 6.64
CA GLU A 87 -29.69 -0.15 5.22
C GLU A 87 -29.16 -1.28 4.34
N PRO A 88 -29.65 -1.37 3.09
CA PRO A 88 -29.19 -2.42 2.17
C PRO A 88 -27.70 -2.26 1.88
N LEU A 89 -26.99 -3.38 1.79
CA LEU A 89 -25.59 -3.34 1.41
C LEU A 89 -25.43 -2.85 -0.02
N GLU A 90 -24.35 -2.11 -0.27
CA GLU A 90 -23.99 -1.73 -1.63
C GLU A 90 -23.43 -2.92 -2.36
N PRO A 91 -23.46 -2.89 -3.70
CA PRO A 91 -23.00 -4.02 -4.51
C PRO A 91 -21.53 -4.36 -4.24
N HIS A 92 -21.18 -5.64 -4.31
CA HIS A 92 -19.79 -6.08 -4.18
C HIS A 92 -19.27 -5.98 -2.75
N THR A 93 -20.16 -6.12 -1.77
CA THR A 93 -19.77 -6.14 -0.36
C THR A 93 -19.46 -7.58 0.04
N HIS A 94 -18.21 -7.83 0.43
CA HIS A 94 -17.75 -9.18 0.66
C HIS A 94 -17.49 -9.52 2.12
N VAL A 95 -17.29 -8.49 2.95
CA VAL A 95 -17.09 -8.71 4.38
C VAL A 95 -17.75 -7.57 5.14
N VAL A 96 -18.46 -7.89 6.20
CA VAL A 96 -19.06 -6.88 7.08
C VAL A 96 -18.76 -7.20 8.54
N PHE A 97 -18.26 -6.21 9.26
CA PHE A 97 -18.10 -6.31 10.71
C PHE A 97 -19.23 -5.54 11.37
N CYS A 98 -20.08 -6.26 12.10
CA CYS A 98 -21.22 -5.64 12.77
C CYS A 98 -20.88 -5.27 14.22
N PHE A 99 -21.15 -4.02 14.59
CA PHE A 99 -20.89 -3.56 15.95
C PHE A 99 -22.15 -3.56 16.79
N THR A 100 -21.98 -3.52 18.11
CA THR A 100 -23.09 -3.62 19.04
C THR A 100 -23.99 -2.39 19.02
N ASP A 101 -23.52 -1.31 18.41
CA ASP A 101 -24.32 -0.08 18.35
C ASP A 101 -25.18 -0.02 17.09
N GLY A 102 -25.21 -1.13 16.32
CA GLY A 102 -26.06 -1.21 15.15
C GLY A 102 -25.44 -0.63 13.89
N SER A 103 -24.18 -0.21 13.97
CA SER A 103 -23.44 0.23 12.79
C SER A 103 -22.54 -0.90 12.29
N GLU A 104 -22.00 -0.74 11.09
CA GLU A 104 -21.21 -1.78 10.44
C GLU A 104 -20.02 -1.20 9.73
N LEU A 105 -18.90 -1.91 9.77
CA LEU A 105 -17.77 -1.63 8.92
C LEU A 105 -17.85 -2.58 7.74
N ARG A 106 -18.05 -2.04 6.54
CA ARG A 106 -18.22 -2.88 5.35
C ARG A 106 -17.05 -2.81 4.40
N TYR A 107 -16.67 -3.96 3.86
CA TYR A 107 -15.62 -4.02 2.88
C TYR A 107 -16.20 -4.34 1.50
N ARG A 108 -16.05 -3.41 0.55
CA ARG A 108 -16.50 -3.62 -0.83
C ARG A 108 -15.29 -3.78 -1.72
N ASP A 109 -15.42 -4.55 -2.81
CA ASP A 109 -14.28 -4.81 -3.69
C ASP A 109 -14.75 -5.48 -4.99
N VAL A 110 -14.97 -4.68 -6.03
CA VAL A 110 -15.51 -5.22 -7.28
C VAL A 110 -14.59 -6.32 -7.83
N ARG A 111 -13.29 -6.15 -7.62
CA ARG A 111 -12.29 -7.09 -8.14
C ARG A 111 -12.17 -8.37 -7.30
N LYS A 112 -12.61 -8.31 -6.05
CA LYS A 112 -12.39 -9.41 -5.11
C LYS A 112 -10.91 -9.76 -4.98
N PHE A 113 -10.05 -8.75 -5.07
CA PHE A 113 -8.60 -9.00 -5.02
C PHE A 113 -7.97 -8.72 -3.66
N GLY A 114 -8.69 -8.01 -2.79
CA GLY A 114 -8.16 -7.65 -1.49
C GLY A 114 -7.97 -8.81 -0.54
N THR A 115 -7.19 -8.59 0.52
CA THR A 115 -6.90 -9.67 1.47
C THR A 115 -7.11 -9.26 2.94
N MET A 116 -7.42 -10.24 3.78
CA MET A 116 -7.50 -10.04 5.23
C MET A 116 -6.79 -11.14 6.01
N HIS A 117 -5.95 -10.75 6.98
CA HIS A 117 -5.27 -11.68 7.89
C HIS A 117 -5.49 -11.22 9.33
N VAL A 118 -5.89 -12.13 10.21
CA VAL A 118 -5.97 -11.82 11.63
C VAL A 118 -5.00 -12.68 12.45
N TYR A 119 -4.20 -12.02 13.30
CA TYR A 119 -3.33 -12.69 14.27
C TYR A 119 -3.44 -12.00 15.62
N ALA A 120 -3.02 -12.68 16.68
CA ALA A 120 -2.77 -11.99 17.95
C ALA A 120 -1.88 -10.81 17.61
N LYS A 121 -2.18 -9.65 18.19
CA LYS A 121 -1.44 -8.41 17.91
C LYS A 121 0.06 -8.61 17.87
N GLU A 122 0.59 -9.32 18.87
CA GLU A 122 2.03 -9.44 19.04
C GLU A 122 2.68 -10.29 17.96
N GLU A 123 1.86 -10.95 17.14
CA GLU A 123 2.35 -11.82 16.09
C GLU A 123 2.27 -11.16 14.71
N ALA A 124 1.37 -10.19 14.59
CA ALA A 124 1.07 -9.58 13.29
C ALA A 124 2.31 -9.16 12.53
N ASP A 125 3.26 -8.55 13.21
CA ASP A 125 4.41 -7.96 12.53
C ASP A 125 5.44 -8.99 12.08
N ARG A 126 5.32 -10.22 12.56
CA ARG A 126 6.29 -11.24 12.19
C ARG A 126 5.69 -12.37 11.35
N ARG A 127 4.49 -12.14 10.84
CA ARG A 127 3.79 -13.12 9.99
C ARG A 127 3.42 -12.45 8.67
N PRO A 128 3.12 -13.27 7.64
CA PRO A 128 2.63 -12.66 6.41
C PRO A 128 1.30 -11.96 6.69
N PRO A 129 1.01 -10.87 5.97
CA PRO A 129 1.85 -10.31 4.91
C PRO A 129 2.77 -9.18 5.38
N LEU A 130 2.80 -8.89 6.67
CA LEU A 130 3.61 -7.78 7.18
C LEU A 130 5.09 -8.14 7.36
N ALA A 131 5.36 -9.42 7.60
CA ALA A 131 6.74 -9.87 7.79
C ALA A 131 7.61 -9.46 6.61
N GLU A 132 8.80 -8.97 6.89
CA GLU A 132 9.77 -8.63 5.84
C GLU A 132 9.45 -7.34 5.10
N LEU A 133 8.27 -6.76 5.36
CA LEU A 133 7.93 -5.48 4.77
C LEU A 133 9.01 -4.45 5.13
N GLY A 134 9.46 -3.70 4.13
CA GLY A 134 10.50 -2.70 4.34
C GLY A 134 10.00 -1.51 5.15
N PRO A 135 10.92 -0.60 5.50
CA PRO A 135 10.62 0.58 6.30
C PRO A 135 9.61 1.53 5.62
N GLU A 136 8.86 2.24 6.44
CA GLU A 136 7.99 3.30 5.94
C GLU A 136 8.81 4.34 5.19
N PRO A 137 8.34 4.74 4.00
CA PRO A 137 9.09 5.68 3.17
C PRO A 137 9.31 7.01 3.85
N LEU A 138 8.42 7.39 4.76
CA LEU A 138 8.52 8.68 5.43
C LEU A 138 9.19 8.56 6.79
N SER A 139 9.82 7.42 7.05
CA SER A 139 10.50 7.23 8.33
C SER A 139 12.01 7.26 8.17
N PRO A 140 12.72 7.61 9.24
CA PRO A 140 14.19 7.64 9.25
C PRO A 140 14.76 6.24 9.00
N ALA A 141 13.95 5.21 9.20
CA ALA A 141 14.35 3.85 8.88
C ALA A 141 14.63 3.69 7.38
N PHE A 142 13.91 4.45 6.56
CA PHE A 142 14.19 4.46 5.13
C PHE A 142 15.15 5.60 4.81
N SER A 143 16.41 5.24 4.58
CA SER A 143 17.47 6.23 4.42
C SER A 143 18.28 5.95 3.17
N PRO A 144 19.02 6.95 2.68
CA PRO A 144 19.90 6.71 1.54
C PRO A 144 20.80 5.50 1.78
N ALA A 145 21.28 5.37 3.01
CA ALA A 145 22.15 4.26 3.38
C ALA A 145 21.47 2.91 3.14
N VAL A 146 20.23 2.79 3.63
CA VAL A 146 19.46 1.56 3.43
C VAL A 146 19.34 1.28 1.94
N LEU A 147 19.00 2.33 1.18
CA LEU A 147 18.81 2.21 -0.25
C LEU A 147 20.10 1.77 -0.95
N ALA A 148 21.20 2.44 -0.63
CA ALA A 148 22.48 2.15 -1.26
C ALA A 148 22.89 0.70 -1.03
N GLU A 149 22.67 0.21 0.19
CA GLU A 149 23.06 -1.15 0.56
C GLU A 149 22.40 -2.21 -0.32
N ARG A 150 21.14 -1.99 -0.68
CA ARG A 150 20.43 -2.96 -1.50
C ARG A 150 20.82 -2.83 -2.97
N ALA A 151 21.05 -1.60 -3.42
CA ALA A 151 21.44 -1.33 -4.80
C ALA A 151 22.74 -2.04 -5.18
N VAL A 152 23.73 -1.98 -4.30
CA VAL A 152 25.03 -2.58 -4.59
C VAL A 152 24.99 -4.10 -4.73
N LYS A 153 24.14 -4.73 -3.93
CA LYS A 153 24.04 -6.19 -3.88
C LYS A 153 23.50 -6.82 -5.15
N THR A 154 22.54 -6.14 -5.79
CA THR A 154 21.73 -6.76 -6.83
C THR A 154 22.22 -6.53 -8.26
N LYS A 155 21.82 -7.41 -9.15
CA LYS A 155 22.06 -7.23 -10.58
C LYS A 155 20.83 -6.59 -11.22
N ARG A 156 19.80 -6.37 -10.39
CA ARG A 156 18.51 -5.85 -10.84
C ARG A 156 18.59 -4.44 -11.40
N SER A 157 17.62 -4.10 -12.23
CA SER A 157 17.43 -2.72 -12.67
C SER A 157 16.98 -1.90 -11.46
N VAL A 158 17.10 -0.58 -11.53
CA VAL A 158 16.70 0.24 -10.41
C VAL A 158 15.19 0.17 -10.17
N LYS A 159 14.41 0.06 -11.24
CA LYS A 159 12.96 -0.05 -11.10
C LYS A 159 12.58 -1.33 -10.36
N ALA A 160 13.20 -2.44 -10.73
CA ALA A 160 12.92 -3.71 -10.06
C ALA A 160 13.23 -3.60 -8.57
N LEU A 161 14.30 -2.91 -8.23
CA LEU A 161 14.69 -2.73 -6.83
C LEU A 161 13.61 -1.97 -6.07
N LEU A 162 13.18 -0.84 -6.61
CA LEU A 162 12.21 0.02 -5.94
C LEU A 162 10.83 -0.62 -5.83
N LEU A 163 10.55 -1.57 -6.73
CA LEU A 163 9.28 -2.30 -6.68
C LEU A 163 9.31 -3.42 -5.63
N ASP A 164 10.49 -3.69 -5.08
CA ASP A 164 10.67 -4.73 -4.09
C ASP A 164 10.21 -4.25 -2.71
N CYS A 165 9.15 -4.88 -2.18
CA CYS A 165 8.53 -4.45 -0.93
C CYS A 165 9.40 -4.59 0.32
N THR A 166 10.46 -5.38 0.25
CA THR A 166 11.39 -5.51 1.38
C THR A 166 12.35 -4.32 1.44
N VAL A 167 12.39 -3.55 0.37
CA VAL A 167 13.29 -2.41 0.28
C VAL A 167 12.69 -1.21 0.97
N VAL A 168 11.39 -1.01 0.75
CA VAL A 168 10.66 0.13 1.28
C VAL A 168 9.18 -0.17 1.07
N ALA A 169 8.33 0.30 1.97
CA ALA A 169 6.91 -0.03 1.94
C ALA A 169 6.10 0.90 1.03
N GLY A 170 5.17 0.33 0.27
CA GLY A 170 4.17 1.11 -0.44
C GLY A 170 4.57 1.77 -1.74
N PHE A 171 5.65 1.31 -2.37
CA PHE A 171 6.03 1.86 -3.66
C PHE A 171 5.61 0.98 -4.83
N GLY A 172 4.57 1.41 -5.54
CA GLY A 172 4.11 0.70 -6.72
C GLY A 172 4.62 1.30 -8.01
N ASN A 173 4.10 0.81 -9.12
CA ASN A 173 4.53 1.22 -10.46
C ASN A 173 4.53 2.73 -10.64
N ILE A 174 3.45 3.37 -10.18
CA ILE A 174 3.27 4.80 -10.41
C ILE A 174 4.33 5.63 -9.73
N TYR A 175 4.50 5.43 -8.43
CA TYR A 175 5.45 6.22 -7.65
C TYR A 175 6.91 5.91 -8.00
N VAL A 176 7.17 4.68 -8.42
CA VAL A 176 8.50 4.32 -8.89
C VAL A 176 8.86 5.12 -10.15
N ASP A 177 7.98 5.06 -11.15
CA ASP A 177 8.21 5.80 -12.41
C ASP A 177 8.33 7.29 -12.15
N GLU A 178 7.44 7.83 -11.33
CA GLU A 178 7.43 9.25 -11.00
C GLU A 178 8.68 9.65 -10.23
N SER A 179 9.06 8.83 -9.24
CA SER A 179 10.25 9.09 -8.44
C SER A 179 11.51 9.02 -9.32
N LEU A 180 11.57 8.02 -10.18
CA LEU A 180 12.71 7.88 -11.08
C LEU A 180 12.81 9.06 -12.06
N PHE A 181 11.66 9.55 -12.53
CA PHE A 181 11.69 10.71 -13.42
C PHE A 181 12.19 11.95 -12.69
N ARG A 182 11.69 12.17 -11.49
CA ARG A 182 12.06 13.33 -10.68
C ARG A 182 13.52 13.29 -10.26
N ALA A 183 14.08 12.09 -10.19
CA ALA A 183 15.48 11.90 -9.84
C ALA A 183 16.40 11.84 -11.08
N GLY A 184 15.79 11.93 -12.26
CA GLY A 184 16.53 11.92 -13.51
C GLY A 184 17.23 10.60 -13.84
N ILE A 185 16.62 9.50 -13.42
CA ILE A 185 17.22 8.18 -13.59
C ILE A 185 16.36 7.26 -14.44
N LEU A 186 16.94 6.69 -15.49
CA LEU A 186 16.24 5.73 -16.33
C LEU A 186 15.92 4.47 -15.54
N PRO A 187 14.70 3.96 -15.68
CA PRO A 187 14.22 2.83 -14.87
C PRO A 187 14.99 1.55 -15.18
N GLY A 188 15.50 1.45 -16.40
CA GLY A 188 16.20 0.25 -16.84
C GLY A 188 17.66 0.19 -16.43
N ARG A 189 18.15 1.27 -15.84
CA ARG A 189 19.52 1.30 -15.32
C ARG A 189 19.70 0.16 -14.33
N PRO A 190 20.88 -0.48 -14.34
CA PRO A 190 21.16 -1.42 -13.26
C PRO A 190 21.18 -0.68 -11.92
N ALA A 191 20.58 -1.25 -10.89
CA ALA A 191 20.54 -0.60 -9.59
C ALA A 191 21.97 -0.33 -9.10
N ALA A 192 22.87 -1.24 -9.41
CA ALA A 192 24.26 -1.13 -8.96
C ALA A 192 25.03 -0.07 -9.75
N SER A 193 24.44 0.41 -10.84
CA SER A 193 25.10 1.41 -11.67
C SER A 193 24.88 2.82 -11.14
N LEU A 194 24.01 2.96 -10.15
CA LEU A 194 23.70 4.28 -9.59
C LEU A 194 24.81 4.78 -8.68
N SER A 195 25.23 6.03 -8.88
CA SER A 195 26.22 6.66 -8.03
C SER A 195 25.61 7.01 -6.69
N SER A 196 26.47 7.28 -5.70
CA SER A 196 25.99 7.67 -4.38
C SER A 196 25.13 8.93 -4.49
N LYS A 197 25.48 9.78 -5.46
CA LYS A 197 24.72 10.99 -5.72
C LYS A 197 23.33 10.63 -6.23
N GLU A 198 23.27 9.69 -7.16
CA GLU A 198 22.00 9.24 -7.71
C GLU A 198 21.13 8.55 -6.64
N ILE A 199 21.77 7.79 -5.75
CA ILE A 199 21.06 7.16 -4.64
C ILE A 199 20.41 8.19 -3.72
N GLU A 200 21.21 9.15 -3.29
CA GLU A 200 20.72 10.23 -2.43
C GLU A 200 19.56 10.97 -3.12
N ARG A 201 19.78 11.36 -4.36
CA ARG A 201 18.77 12.08 -5.13
C ARG A 201 17.48 11.25 -5.26
N LEU A 202 17.64 9.96 -5.50
CA LEU A 202 16.51 9.07 -5.64
C LEU A 202 15.73 8.98 -4.33
N HIS A 203 16.43 8.70 -3.24
CA HIS A 203 15.81 8.62 -1.92
C HIS A 203 15.02 9.89 -1.64
N GLU A 204 15.64 11.03 -1.94
CA GLU A 204 15.02 12.32 -1.70
C GLU A 204 13.74 12.48 -2.51
N GLU A 205 13.77 12.03 -3.77
CA GLU A 205 12.61 12.18 -4.65
C GLU A 205 11.50 11.22 -4.24
N MET A 206 11.90 10.01 -3.87
CA MET A 206 10.95 9.03 -3.35
C MET A 206 10.20 9.64 -2.16
N VAL A 207 10.95 10.10 -1.16
CA VAL A 207 10.33 10.68 0.03
C VAL A 207 9.44 11.86 -0.33
N ALA A 208 9.90 12.70 -1.25
CA ALA A 208 9.13 13.86 -1.67
C ALA A 208 7.86 13.45 -2.41
N THR A 209 7.99 12.43 -3.25
CA THR A 209 6.84 11.95 -4.03
C THR A 209 5.74 11.44 -3.10
N ILE A 210 6.14 10.63 -2.11
CA ILE A 210 5.19 10.11 -1.12
C ILE A 210 4.71 11.21 -0.20
N GLY A 211 5.65 12.01 0.31
CA GLY A 211 5.35 13.06 1.27
C GLY A 211 4.35 14.06 0.74
N GLU A 212 4.59 14.57 -0.46
CA GLU A 212 3.71 15.54 -1.08
C GLU A 212 2.30 14.98 -1.23
N ALA A 213 2.21 13.72 -1.65
CA ALA A 213 0.91 13.10 -1.89
C ALA A 213 0.10 12.90 -0.61
N VAL A 214 0.79 12.66 0.51
CA VAL A 214 0.12 12.51 1.80
C VAL A 214 -0.36 13.87 2.30
N MET A 215 -0.43 14.84 1.40
CA MET A 215 -0.90 16.19 1.72
C MET A 215 -1.92 16.68 0.69
N HIS A 237 -0.75 15.67 -9.73
CA HIS A 237 -0.25 15.81 -11.09
C HIS A 237 0.93 14.87 -11.37
N LEU A 238 0.86 14.17 -12.50
CA LEU A 238 1.88 13.21 -12.87
C LEU A 238 2.84 13.76 -13.93
N TYR A 239 4.08 13.33 -13.87
CA TYR A 239 5.08 13.73 -14.85
C TYR A 239 5.19 12.75 -16.02
N VAL A 240 5.13 11.46 -15.74
CA VAL A 240 5.34 10.46 -16.78
C VAL A 240 4.32 9.32 -16.82
N TYR A 241 3.77 8.93 -15.67
CA TYR A 241 2.90 7.76 -15.65
C TYR A 241 1.65 7.97 -16.50
N GLY A 242 1.47 7.08 -17.49
CA GLY A 242 0.33 7.16 -18.39
C GLY A 242 0.37 8.31 -19.37
N ARG A 243 1.51 8.98 -19.47
CA ARG A 243 1.59 10.17 -20.33
C ARG A 243 2.37 9.93 -21.62
N GLN A 244 2.56 8.66 -21.98
CA GLN A 244 3.36 8.34 -23.17
C GLN A 244 2.78 9.00 -24.41
N GLY A 245 3.67 9.55 -25.24
CA GLY A 245 3.26 10.25 -26.44
C GLY A 245 2.86 11.69 -26.17
N ASN A 246 2.88 12.08 -24.90
CA ASN A 246 2.61 13.46 -24.53
C ASN A 246 3.93 14.15 -24.21
N PRO A 247 3.98 15.48 -24.38
CA PRO A 247 5.23 16.18 -24.10
C PRO A 247 5.59 16.14 -22.61
N CYS A 248 6.86 15.85 -22.34
CA CYS A 248 7.35 15.91 -20.98
C CYS A 248 7.12 17.30 -20.42
N LYS A 249 6.68 17.37 -19.18
CA LYS A 249 6.32 18.64 -18.55
C LYS A 249 7.53 19.50 -18.23
N ARG A 250 8.72 18.91 -18.26
N ARG A 250 8.71 18.89 -18.26
CA ARG A 250 9.93 19.67 -17.96
CA ARG A 250 9.95 19.58 -17.95
C ARG A 250 10.81 19.97 -19.18
C ARG A 250 10.72 20.01 -19.21
N CYS A 251 10.68 19.19 -20.24
CA CYS A 251 11.49 19.43 -21.44
C CYS A 251 10.74 19.32 -22.77
N GLY A 252 9.52 18.81 -22.73
CA GLY A 252 8.68 18.76 -23.92
C GLY A 252 8.93 17.56 -24.82
N THR A 253 9.96 16.79 -24.51
CA THR A 253 10.23 15.55 -25.24
C THR A 253 9.09 14.56 -25.00
N PRO A 254 8.62 13.89 -26.07
CA PRO A 254 7.50 12.97 -25.85
C PRO A 254 7.86 11.91 -24.82
N ILE A 255 7.00 11.72 -23.82
CA ILE A 255 7.18 10.65 -22.86
C ILE A 255 7.08 9.33 -23.60
N GLU A 256 7.94 8.39 -23.25
CA GLU A 256 7.90 7.08 -23.87
C GLU A 256 7.51 5.99 -22.89
N LYS A 257 7.10 4.85 -23.44
CA LYS A 257 6.67 3.72 -22.63
C LYS A 257 7.31 2.45 -23.16
N THR A 258 7.92 1.68 -22.27
CA THR A 258 8.52 0.41 -22.63
C THR A 258 8.22 -0.62 -21.55
N VAL A 259 8.97 -1.72 -21.59
CA VAL A 259 8.86 -2.76 -20.57
C VAL A 259 10.16 -2.90 -19.81
N VAL A 260 10.10 -2.67 -18.50
CA VAL A 260 11.25 -2.86 -17.63
C VAL A 260 10.78 -3.66 -16.43
N ALA A 261 11.58 -4.62 -15.99
CA ALA A 261 11.18 -5.50 -14.90
C ALA A 261 9.81 -6.10 -15.21
N GLY A 262 9.60 -6.41 -16.49
CA GLY A 262 8.32 -6.94 -16.96
C GLY A 262 7.15 -6.05 -16.58
N ARG A 263 7.33 -4.74 -16.71
CA ARG A 263 6.29 -3.79 -16.31
C ARG A 263 6.16 -2.62 -17.28
N GLY A 264 4.95 -2.07 -17.37
CA GLY A 264 4.71 -0.87 -18.13
C GLY A 264 5.47 0.29 -17.52
N THR A 265 6.45 0.79 -18.23
CA THR A 265 7.37 1.77 -17.67
C THR A 265 7.37 3.07 -18.47
N HIS A 266 7.12 4.18 -17.77
CA HIS A 266 7.02 5.48 -18.39
C HIS A 266 8.19 6.35 -18.00
N TYR A 267 8.80 7.02 -18.98
CA TYR A 267 9.98 7.80 -18.72
C TYR A 267 10.19 8.84 -19.80
N CYS A 268 10.98 9.85 -19.49
CA CYS A 268 11.41 10.82 -20.47
C CYS A 268 12.83 10.47 -20.88
N PRO A 269 13.04 10.21 -22.17
CA PRO A 269 14.36 9.80 -22.68
C PRO A 269 15.37 10.94 -22.58
N ARG A 270 14.90 12.15 -22.33
CA ARG A 270 15.82 13.27 -22.19
C ARG A 270 16.16 13.59 -20.73
N CYS A 271 15.13 13.75 -19.89
CA CYS A 271 15.35 14.07 -18.49
C CYS A 271 15.99 12.92 -17.72
N GLN A 272 15.73 11.69 -18.17
CA GLN A 272 16.23 10.53 -17.43
C GLN A 272 17.44 9.89 -18.09
N ARG A 273 18.44 9.58 -17.28
CA ARG A 273 19.69 9.00 -17.77
C ARG A 273 20.06 7.79 -16.93
#